data_8CS0
#
_entry.id   8CS0
#
_cell.length_a   55.305
_cell.length_b   145.928
_cell.length_c   46.904
_cell.angle_alpha   90.000
_cell.angle_beta   90.000
_cell.angle_gamma   90.000
#
_symmetry.space_group_name_H-M   'P 21 21 2'
#
loop_
_entity.id
_entity.type
_entity.pdbx_description
1 polymer 'reverse transcriptase'
2 polymer "DNA (5'-D(*CP*TP*(JSP)P*(1W5)P*(1W5)P*(1WA)P*(IGU)P*(JSP))-3')"
3 polymer "DNA (5'-D(P*(IGU)P*(JSP)P*(1W5)P*(1WA)P*(1WA)P*(IGU)P*AP*G)-3')"
4 water water
#
loop_
_entity_poly.entity_id
_entity_poly.type
_entity_poly.pdbx_seq_one_letter_code
_entity_poly.pdbx_strand_id
1 'polypeptide(L)'
;GSHMTWLSDFPQAWAETGGMGLAVRQAPLIIPLKATSTPVSIKQYPMSQEARLGIKPHIQRLLDQGILVPCQSPWNTPLL
PVKKPGTNDYRPVQDLREVNKRVEDIHPTVPNPYNLLSGLPPSHQWYTVLDLKDAFFCLRLHPTSQPLFAFEWRDPEMGI
SGQLTWTRLPQGFKNSPTLFDEALHRDLADFRIQHPDLILLQYVDDLLLAATSELDCQQGTRALLQTLGNLGYRASAKKA
QICQKQVKYLGYLLKEGQRLTRGSGC
;
A
2 'polydeoxyribonucleotide' (DC)(DT)(JSP)(1W5)(1W5)(1WA)(IGU)(JSP) B
3 'polydeoxyribonucleotide' (IGU)(JSP)(1W5)(1WA)(1WA)(IGU)(DA)(DG) G
#
loop_
_chem_comp.id
_chem_comp.type
_chem_comp.name
_chem_comp.formula
1W5 DNA linking (1R)-1-(6-amino-2-hydroxy-5-nitropyridin-3-yl)-1,4-anhydro-2-deoxy-5-O-phosphono-D-erythro-pentitol 'C10 H14 N3 O9 P'
1WA DNA linking 2-amino-8-(2-deoxy-5-O-phosphono-beta-D-erythro-pentofuranosyl)-4-hydroxy-1H-imidazo[1,2-a][1,3,5]triazine-5,8-diium 'C10 H16 N5 O7 P 2'
DA DNA linking 2'-DEOXYADENOSINE-5'-MONOPHOSPHATE 'C10 H14 N5 O6 P'
DC DNA linking 2'-DEOXYCYTIDINE-5'-MONOPHOSPHATE 'C9 H14 N3 O7 P'
DG DNA linking 2'-DEOXYGUANOSINE-5'-MONOPHOSPHATE 'C10 H14 N5 O7 P'
DT DNA linking THYMIDINE-5'-MONOPHOSPHATE 'C10 H15 N2 O8 P'
IGU DNA linking 2'-DEOXYISOGUANINE-5'-MONOPHOSPHATE 'C10 H14 N5 O7 P'
JSP DNA linking (1R)-1-(4-amino-1-methyl-2-oxo-1,2-dihydropyrimidin-5-yl)-1,4-anhydro-2-deoxy-5-O-phosphono-D-erythro-pentitol 'C10 H16 N3 O7 P'
#
# COMPACT_ATOMS: atom_id res chain seq x y z
N THR A 5 13.67 -22.71 -5.22
CA THR A 5 12.31 -22.30 -4.99
C THR A 5 12.11 -20.82 -5.36
N TRP A 6 10.87 -20.35 -5.22
CA TRP A 6 10.57 -18.95 -5.47
C TRP A 6 11.04 -18.05 -4.35
N LEU A 7 11.02 -18.55 -3.11
CA LEU A 7 11.48 -17.76 -1.97
C LEU A 7 12.97 -17.47 -2.07
N SER A 8 13.75 -18.46 -2.51
CA SER A 8 15.20 -18.32 -2.57
C SER A 8 15.65 -17.46 -3.74
N ASP A 9 14.97 -17.59 -4.88
CA ASP A 9 15.39 -16.95 -6.12
C ASP A 9 15.11 -15.45 -6.14
N PHE A 10 14.22 -14.95 -5.28
CA PHE A 10 13.77 -13.56 -5.34
C PHE A 10 13.69 -12.99 -3.92
N PRO A 11 14.83 -12.93 -3.22
CA PRO A 11 14.79 -12.48 -1.83
C PRO A 11 14.34 -11.06 -1.70
N GLN A 12 14.64 -10.22 -2.70
CA GLN A 12 14.27 -8.82 -2.64
C GLN A 12 12.76 -8.61 -2.79
N ALA A 13 12.10 -9.48 -3.57
CA ALA A 13 10.69 -9.30 -3.89
C ALA A 13 9.73 -9.63 -2.76
N TRP A 14 10.13 -10.44 -1.78
CA TRP A 14 9.21 -10.91 -0.78
C TRP A 14 9.35 -10.15 0.52
N ALA A 15 8.20 -9.83 1.14
CA ALA A 15 8.22 -9.10 2.39
C ALA A 15 8.93 -9.90 3.45
N GLU A 16 8.81 -11.22 3.35
CA GLU A 16 9.41 -12.11 4.36
C GLU A 16 10.91 -11.94 4.46
N THR A 17 11.57 -11.68 3.34
CA THR A 17 13.03 -11.64 3.30
C THR A 17 13.64 -10.35 2.77
N GLY A 18 12.84 -9.36 2.41
CA GLY A 18 13.40 -8.21 1.72
C GLY A 18 13.44 -6.91 2.49
N GLY A 19 12.90 -6.91 3.70
CA GLY A 19 12.80 -5.69 4.47
C GLY A 19 11.58 -4.89 4.06
N MET A 20 11.29 -3.83 4.83
CA MET A 20 10.19 -2.95 4.51
C MET A 20 10.46 -2.32 3.14
N GLY A 21 9.41 -2.14 2.39
CA GLY A 21 9.55 -1.55 1.07
C GLY A 21 9.68 -0.06 1.11
N LEU A 22 10.01 0.47 -0.08
CA LEU A 22 10.19 1.91 -0.32
C LEU A 22 10.29 2.06 -1.81
N ALA A 23 9.32 2.72 -2.45
CA ALA A 23 9.26 2.86 -3.89
C ALA A 23 10.24 3.94 -4.33
N VAL A 24 11.45 3.50 -4.70
CA VAL A 24 12.57 4.42 -4.86
C VAL A 24 12.45 5.30 -6.10
N ARG A 25 11.61 4.94 -7.03
CA ARG A 25 11.49 5.72 -8.26
C ARG A 25 10.41 6.76 -8.15
N GLN A 26 9.64 6.74 -7.09
CA GLN A 26 8.46 7.59 -6.99
C GLN A 26 8.80 8.81 -6.14
N ALA A 27 8.54 9.99 -6.68
CA ALA A 27 8.82 11.17 -5.91
C ALA A 27 7.92 11.25 -4.68
N PRO A 28 8.39 11.84 -3.59
CA PRO A 28 7.53 12.05 -2.42
C PRO A 28 6.29 12.84 -2.80
N LEU A 29 5.15 12.38 -2.28
CA LEU A 29 3.85 12.88 -2.73
C LEU A 29 3.49 14.15 -1.99
N ILE A 30 3.01 15.16 -2.75
CA ILE A 30 2.48 16.39 -2.16
C ILE A 30 0.97 16.28 -2.22
N ILE A 31 0.30 16.57 -1.13
CA ILE A 31 -1.16 16.42 -1.01
C ILE A 31 -1.84 17.79 -1.03
N PRO A 32 -2.46 18.18 -2.13
CA PRO A 32 -3.02 19.53 -2.18
C PRO A 32 -4.29 19.62 -1.34
N LEU A 33 -4.43 20.76 -0.67
CA LEU A 33 -5.62 21.02 0.10
C LEU A 33 -6.66 21.75 -0.76
N LYS A 34 -7.91 21.66 -0.29
CA LYS A 34 -8.96 22.50 -0.89
C LYS A 34 -8.63 23.97 -0.69
N ALA A 35 -9.22 24.79 -1.56
CA ALA A 35 -8.86 26.18 -1.62
C ALA A 35 -9.10 26.93 -0.34
N THR A 36 -10.11 26.55 0.44
CA THR A 36 -10.47 27.26 1.66
C THR A 36 -10.01 26.57 2.93
N SER A 37 -9.30 25.45 2.84
CA SER A 37 -8.99 24.71 4.06
C SER A 37 -8.01 25.42 5.00
N THR A 38 -8.21 25.23 6.31
CA THR A 38 -7.22 25.58 7.33
C THR A 38 -7.05 24.38 8.22
N PRO A 39 -5.99 24.32 9.03
CA PRO A 39 -5.75 23.13 9.83
C PRO A 39 -6.86 22.93 10.86
N VAL A 40 -7.06 21.68 11.21
CA VAL A 40 -7.99 21.27 12.25
C VAL A 40 -7.21 20.44 13.24
N SER A 41 -7.38 20.75 14.53
CA SER A 41 -6.70 20.07 15.62
C SER A 41 -7.75 19.48 16.54
N ILE A 42 -7.89 18.18 16.50
CA ILE A 42 -8.90 17.48 17.30
C ILE A 42 -8.17 16.85 18.48
N LYS A 43 -8.73 17.03 19.67
CA LYS A 43 -8.08 16.53 20.88
C LYS A 43 -8.10 15.01 20.90
N GLN A 44 -7.00 14.43 21.36
CA GLN A 44 -6.93 12.98 21.49
C GLN A 44 -7.84 12.54 22.64
N TYR A 45 -8.78 11.67 22.36
CA TYR A 45 -9.61 11.11 23.42
C TYR A 45 -8.74 10.30 24.38
N PRO A 46 -8.95 10.40 25.69
CA PRO A 46 -8.12 9.62 26.60
C PRO A 46 -8.22 8.14 26.27
N MET A 47 -7.08 7.47 26.33
CA MET A 47 -6.98 6.07 25.98
C MET A 47 -6.67 5.26 27.24
N SER A 48 -7.34 4.11 27.36
CA SER A 48 -7.09 3.23 28.50
C SER A 48 -5.66 2.69 28.44
N GLN A 49 -5.14 2.28 29.60
CA GLN A 49 -3.83 1.66 29.60
C GLN A 49 -3.79 0.42 28.72
N GLU A 50 -4.85 -0.39 28.76
CA GLU A 50 -4.88 -1.62 27.99
C GLU A 50 -4.70 -1.32 26.51
N ALA A 51 -5.44 -0.32 26.04
CA ALA A 51 -5.31 0.10 24.62
C ALA A 51 -3.93 0.63 24.32
N ARG A 52 -3.38 1.49 25.20
CA ARG A 52 -2.08 2.08 25.01
C ARG A 52 -0.98 1.02 24.96
N LEU A 53 -1.01 0.05 25.88
CA LEU A 53 0.00 -0.98 25.83
C LEU A 53 -0.14 -1.85 24.59
N GLY A 54 -1.37 -2.03 24.09
CA GLY A 54 -1.57 -2.80 22.89
C GLY A 54 -1.02 -2.10 21.67
N ILE A 55 -1.18 -0.77 21.61
CA ILE A 55 -0.73 0.00 20.44
C ILE A 55 0.76 0.24 20.45
N LYS A 56 1.36 0.39 21.65
CA LYS A 56 2.72 0.85 21.81
C LYS A 56 3.73 0.12 20.95
N PRO A 57 3.76 -1.23 20.86
CA PRO A 57 4.83 -1.88 20.11
C PRO A 57 4.73 -1.59 18.63
N HIS A 58 3.52 -1.37 18.16
CA HIS A 58 3.31 -0.96 16.75
C HIS A 58 3.90 0.41 16.49
N ILE A 59 3.59 1.38 17.34
CA ILE A 59 4.18 2.70 17.21
C ILE A 59 5.70 2.62 17.24
N GLN A 60 6.25 1.81 18.16
CA GLN A 60 7.69 1.78 18.29
C GLN A 60 8.33 1.19 17.05
N ARG A 61 7.70 0.18 16.47
CA ARG A 61 8.23 -0.43 15.25
C ARG A 61 8.21 0.58 14.11
N LEU A 62 7.11 1.33 14.01
CA LEU A 62 7.02 2.35 12.96
C LEU A 62 8.03 3.45 13.15
N LEU A 63 8.30 3.85 14.39
CA LEU A 63 9.34 4.83 14.66
C LEU A 63 10.70 4.28 14.25
N ASP A 64 10.97 3.03 14.63
CA ASP A 64 12.25 2.40 14.29
C ASP A 64 12.44 2.35 12.78
N GLN A 65 11.35 2.11 12.04
CA GLN A 65 11.39 2.06 10.58
C GLN A 65 11.43 3.44 9.92
N GLY A 66 11.27 4.53 10.69
CA GLY A 66 11.22 5.88 10.11
C GLY A 66 9.91 6.21 9.44
N ILE A 67 8.89 5.36 9.60
CA ILE A 67 7.57 5.56 9.00
C ILE A 67 6.78 6.56 9.81
N LEU A 68 7.00 6.57 11.11
CA LEU A 68 6.56 7.65 11.99
C LEU A 68 7.76 8.48 12.43
N VAL A 69 7.58 9.78 12.58
CA VAL A 69 8.57 10.69 13.13
C VAL A 69 7.89 11.68 14.07
N PRO A 70 8.66 12.23 15.01
CA PRO A 70 8.10 13.30 15.84
C PRO A 70 7.84 14.54 15.02
N CYS A 71 6.85 15.31 15.45
CA CYS A 71 6.60 16.59 14.83
C CYS A 71 5.85 17.51 15.78
N GLN A 72 5.75 18.77 15.37
CA GLN A 72 4.84 19.75 15.93
C GLN A 72 3.99 20.25 14.77
N SER A 73 2.69 20.00 14.83
CA SER A 73 1.81 20.33 13.72
C SER A 73 0.52 21.01 14.18
N PRO A 74 0.00 21.98 13.42
CA PRO A 74 -1.31 22.55 13.74
C PRO A 74 -2.47 21.64 13.42
N TRP A 75 -2.20 20.53 12.73
CA TRP A 75 -3.16 19.49 12.43
C TRP A 75 -3.04 18.45 13.52
N ASN A 76 -4.19 17.88 13.91
CA ASN A 76 -4.15 16.72 14.79
C ASN A 76 -5.43 15.96 14.63
N THR A 77 -5.35 14.66 14.47
CA THR A 77 -6.52 13.80 14.46
C THR A 77 -6.32 12.65 15.43
N PRO A 78 -7.42 12.07 15.91
CA PRO A 78 -7.30 11.08 16.98
C PRO A 78 -6.95 9.70 16.50
N LEU A 79 -6.23 9.01 17.36
CA LEU A 79 -6.05 7.58 17.28
C LEU A 79 -7.16 6.87 18.04
N LEU A 80 -7.58 5.81 17.51
CA LEU A 80 -8.54 4.98 18.17
C LEU A 80 -7.87 3.67 18.57
N PRO A 81 -8.25 3.16 19.76
CA PRO A 81 -8.14 1.75 20.18
C PRO A 81 -8.63 0.77 19.10
N TYR A 90 -5.33 -5.38 19.24
CA TYR A 90 -5.07 -3.95 19.21
C TYR A 90 -4.04 -3.53 18.18
N ARG A 91 -4.41 -2.59 17.31
CA ARG A 91 -3.47 -1.92 16.42
C ARG A 91 -4.04 -0.54 16.13
N PRO A 92 -3.19 0.46 15.89
CA PRO A 92 -3.71 1.84 15.88
C PRO A 92 -4.47 2.14 14.60
N VAL A 93 -5.57 2.84 14.76
CA VAL A 93 -6.40 3.30 13.65
C VAL A 93 -6.64 4.78 13.85
N GLN A 94 -6.23 5.59 12.85
CA GLN A 94 -6.42 7.01 12.93
C GLN A 94 -7.71 7.45 12.25
N ASP A 95 -8.44 8.34 12.90
CA ASP A 95 -9.68 8.87 12.32
C ASP A 95 -9.31 10.11 11.52
N LEU A 96 -9.12 9.93 10.21
CA LEU A 96 -8.72 11.02 9.33
C LEU A 96 -9.89 11.71 8.66
N ARG A 97 -11.13 11.49 9.12
CA ARG A 97 -12.26 12.07 8.41
C ARG A 97 -12.15 13.59 8.29
N GLU A 98 -11.70 14.32 9.33
CA GLU A 98 -11.65 15.77 9.23
C GLU A 98 -10.50 16.27 8.37
N VAL A 99 -9.46 15.47 8.23
CA VAL A 99 -8.42 15.78 7.22
C VAL A 99 -8.93 15.53 5.80
N ASN A 100 -9.57 14.37 5.58
CA ASN A 100 -10.11 13.98 4.30
C ASN A 100 -11.01 15.07 3.75
N LYS A 101 -11.84 15.67 4.61
CA LYS A 101 -12.75 16.72 4.15
C LYS A 101 -12.04 17.95 3.64
N ARG A 102 -10.78 18.17 4.06
CA ARG A 102 -10.05 19.40 3.76
C ARG A 102 -9.06 19.19 2.62
N VAL A 103 -8.95 17.97 2.12
CA VAL A 103 -8.02 17.62 1.04
C VAL A 103 -8.77 17.66 -0.28
N GLU A 104 -8.13 18.22 -1.30
CA GLU A 104 -8.74 18.32 -2.61
C GLU A 104 -9.01 16.93 -3.20
N ASP A 105 -10.20 16.80 -3.77
CA ASP A 105 -10.59 15.56 -4.39
C ASP A 105 -9.77 15.28 -5.63
N ILE A 106 -9.52 13.99 -5.88
CA ILE A 106 -8.93 13.56 -7.14
C ILE A 106 -9.89 12.62 -7.86
N HIS A 107 -9.70 12.51 -9.16
N HIS A 107 -9.71 12.50 -9.17
CA HIS A 107 -10.51 11.60 -9.96
CA HIS A 107 -10.55 11.60 -9.94
C HIS A 107 -10.29 10.16 -9.50
C HIS A 107 -10.31 10.16 -9.49
N PRO A 108 -11.34 9.37 -9.25
CA PRO A 108 -11.16 7.96 -8.87
C PRO A 108 -10.82 7.09 -10.09
N THR A 109 -9.57 6.69 -10.21
CA THR A 109 -9.08 5.95 -11.37
C THR A 109 -8.92 4.45 -11.14
N VAL A 110 -9.14 3.97 -9.92
CA VAL A 110 -9.08 2.54 -9.66
C VAL A 110 -10.32 1.92 -10.29
N PRO A 111 -10.18 1.00 -11.25
CA PRO A 111 -11.36 0.36 -11.85
C PRO A 111 -12.07 -0.52 -10.83
N ASN A 112 -13.40 -0.67 -10.97
CA ASN A 112 -14.08 -1.66 -10.12
C ASN A 112 -13.71 -3.07 -10.59
N PRO A 113 -13.64 -4.04 -9.67
CA PRO A 113 -13.11 -5.36 -10.04
C PRO A 113 -13.88 -6.04 -11.16
N TYR A 114 -15.20 -5.85 -11.22
CA TYR A 114 -15.96 -6.45 -12.32
C TYR A 114 -15.39 -6.02 -13.66
N ASN A 115 -15.21 -4.71 -13.82
CA ASN A 115 -14.65 -4.18 -15.05
C ASN A 115 -13.20 -4.62 -15.22
N LEU A 116 -12.40 -4.56 -14.15
CA LEU A 116 -11.02 -5.01 -14.29
C LEU A 116 -10.97 -6.43 -14.85
N LEU A 117 -11.85 -7.31 -14.40
CA LEU A 117 -11.76 -8.70 -14.85
C LEU A 117 -12.24 -8.88 -16.28
N SER A 118 -13.09 -7.97 -16.80
CA SER A 118 -13.48 -8.06 -18.19
C SER A 118 -12.28 -8.14 -19.12
N GLY A 119 -11.16 -7.55 -18.70
CA GLY A 119 -9.96 -7.53 -19.52
C GLY A 119 -9.12 -8.79 -19.45
N LEU A 120 -9.70 -9.87 -18.97
CA LEU A 120 -8.99 -11.15 -18.88
C LEU A 120 -9.55 -12.10 -19.93
N PRO A 121 -8.78 -12.46 -20.95
CA PRO A 121 -9.33 -13.29 -22.03
C PRO A 121 -9.13 -14.77 -21.77
N PRO A 122 -9.80 -15.63 -22.54
CA PRO A 122 -9.69 -17.08 -22.30
C PRO A 122 -8.39 -17.69 -22.81
N SER A 123 -7.72 -17.04 -23.75
CA SER A 123 -6.42 -17.53 -24.21
C SER A 123 -5.39 -17.59 -23.10
N HIS A 124 -5.57 -16.84 -22.01
CA HIS A 124 -4.62 -16.81 -20.91
C HIS A 124 -5.25 -17.46 -19.69
N GLN A 125 -4.85 -18.70 -19.40
CA GLN A 125 -5.46 -19.48 -18.33
C GLN A 125 -4.47 -19.88 -17.25
N TRP A 126 -3.20 -19.52 -17.37
CA TRP A 126 -2.22 -19.69 -16.31
C TRP A 126 -2.08 -18.38 -15.54
N TYR A 127 -2.19 -18.45 -14.22
CA TYR A 127 -2.31 -17.27 -13.38
C TYR A 127 -1.23 -17.25 -12.30
N THR A 128 -0.74 -16.04 -11.99
CA THR A 128 0.00 -15.80 -10.77
C THR A 128 -0.69 -14.65 -10.07
N VAL A 129 -0.90 -14.77 -8.77
CA VAL A 129 -1.51 -13.71 -7.97
C VAL A 129 -0.55 -13.32 -6.85
N LEU A 130 -0.28 -12.02 -6.75
CA LEU A 130 0.56 -11.46 -5.71
C LEU A 130 -0.23 -10.39 -4.99
N ASP A 131 0.00 -10.25 -3.71
CA ASP A 131 -0.51 -9.08 -3.02
C ASP A 131 0.65 -8.40 -2.34
N LEU A 132 0.72 -7.10 -2.50
CA LEU A 132 1.81 -6.35 -1.94
C LEU A 132 1.54 -6.05 -0.50
N LYS A 133 2.55 -6.21 0.32
CA LYS A 133 2.44 -5.99 1.74
C LYS A 133 2.84 -4.57 2.08
N ASP A 134 2.05 -3.95 2.93
CA ASP A 134 2.30 -2.59 3.42
C ASP A 134 2.48 -1.64 2.24
N ALA A 135 1.59 -1.79 1.26
CA ALA A 135 1.73 -1.09 -0.03
C ALA A 135 1.82 0.41 0.15
N PHE A 136 0.87 0.98 0.88
CA PHE A 136 0.82 2.43 1.01
C PHE A 136 2.10 2.95 1.65
N PHE A 137 2.65 2.19 2.59
CA PHE A 137 3.84 2.67 3.26
C PHE A 137 5.06 2.67 2.35
N CYS A 138 4.98 2.05 1.15
CA CYS A 138 6.10 2.13 0.25
C CYS A 138 6.21 3.51 -0.41
N LEU A 139 5.14 4.29 -0.40
CA LEU A 139 5.18 5.61 -1.04
C LEU A 139 5.49 6.70 -0.03
N ARG A 140 6.54 7.45 -0.29
CA ARG A 140 6.90 8.56 0.58
C ARG A 140 5.94 9.74 0.47
N LEU A 141 5.78 10.48 1.58
CA LEU A 141 5.11 11.76 1.59
C LEU A 141 6.14 12.87 1.61
N HIS A 142 5.90 13.92 0.83
CA HIS A 142 6.74 15.08 0.85
C HIS A 142 6.70 15.74 2.22
N PRO A 143 7.82 16.22 2.74
CA PRO A 143 7.81 16.86 4.05
C PRO A 143 6.78 17.96 4.20
N THR A 144 6.41 18.67 3.15
CA THR A 144 5.39 19.71 3.29
C THR A 144 4.03 19.15 3.59
N SER A 145 3.76 17.90 3.19
CA SER A 145 2.46 17.23 3.41
C SER A 145 2.45 16.38 4.69
N GLN A 146 3.59 16.08 5.27
CA GLN A 146 3.60 15.23 6.46
C GLN A 146 2.81 15.82 7.63
N PRO A 147 2.85 17.12 7.91
CA PRO A 147 2.15 17.61 9.11
C PRO A 147 0.66 17.39 9.06
N LEU A 148 0.07 17.24 7.87
CA LEU A 148 -1.37 17.02 7.73
C LEU A 148 -1.88 15.85 8.56
N PHE A 149 -1.06 14.82 8.73
CA PHE A 149 -1.51 13.54 9.27
C PHE A 149 -1.07 13.30 10.72
N ALA A 150 -0.71 14.38 11.45
CA ALA A 150 -0.17 14.24 12.81
C ALA A 150 -1.23 13.76 13.80
N PHE A 151 -0.75 13.03 14.79
CA PHE A 151 -1.58 12.58 15.92
C PHE A 151 -0.74 12.67 17.18
N GLU A 152 -1.41 12.62 18.33
CA GLU A 152 -0.71 12.71 19.61
C GLU A 152 -0.33 11.33 20.12
N TRP A 153 0.87 11.23 20.70
CA TRP A 153 1.27 9.97 21.34
C TRP A 153 1.87 10.27 22.70
N ARG A 154 1.27 9.65 23.74
CA ARG A 154 1.69 9.79 25.13
C ARG A 154 2.25 8.46 25.62
N ASP A 155 3.34 8.51 26.39
CA ASP A 155 3.79 7.36 27.17
C ASP A 155 3.85 7.77 28.64
N PRO A 156 2.78 7.53 29.41
CA PRO A 156 2.75 7.98 30.81
C PRO A 156 3.92 7.51 31.66
N GLU A 157 4.55 6.38 31.31
CA GLU A 157 5.62 5.81 32.10
C GLU A 157 6.99 6.01 31.47
N MET A 158 7.10 6.86 30.45
CA MET A 158 8.37 7.33 29.91
C MET A 158 8.43 8.85 29.83
N GLY A 159 7.31 9.54 29.99
CA GLY A 159 7.32 10.99 30.06
C GLY A 159 7.48 11.70 28.72
N ILE A 160 6.86 11.19 27.67
CA ILE A 160 6.89 11.83 26.36
C ILE A 160 5.45 12.05 25.93
N SER A 161 5.03 13.31 25.88
CA SER A 161 3.79 13.70 25.23
C SER A 161 4.13 14.67 24.10
N GLY A 162 3.59 14.40 22.94
CA GLY A 162 3.92 15.16 21.75
C GLY A 162 3.28 14.47 20.57
N GLN A 163 3.46 15.07 19.41
CA GLN A 163 2.85 14.54 18.20
C GLN A 163 3.84 13.71 17.42
N LEU A 164 3.30 12.76 16.66
CA LEU A 164 4.01 12.04 15.63
C LEU A 164 3.28 12.25 14.33
N THR A 165 3.97 12.01 13.22
CA THR A 165 3.26 11.95 11.97
C THR A 165 3.94 10.95 11.04
N TRP A 166 3.30 10.74 9.89
CA TRP A 166 3.67 9.74 8.91
C TRP A 166 4.63 10.35 7.89
N THR A 167 5.62 9.57 7.49
CA THR A 167 6.50 9.95 6.37
C THR A 167 6.14 9.21 5.11
N ARG A 168 5.11 8.35 5.14
CA ARG A 168 4.63 7.53 4.04
C ARG A 168 3.12 7.71 3.90
N LEU A 169 2.59 7.37 2.74
CA LEU A 169 1.15 7.44 2.50
C LEU A 169 0.36 6.69 3.57
N PRO A 170 -0.55 7.36 4.29
CA PRO A 170 -1.15 6.71 5.46
C PRO A 170 -2.42 5.94 5.17
N GLN A 171 -2.66 4.94 6.01
CA GLN A 171 -3.95 4.33 6.09
C GLN A 171 -5.00 5.33 6.55
N GLY A 172 -6.20 5.18 6.01
CA GLY A 172 -7.33 5.99 6.38
C GLY A 172 -7.47 7.27 5.57
N PHE A 173 -6.48 7.57 4.75
CA PHE A 173 -6.50 8.76 3.93
C PHE A 173 -7.23 8.45 2.64
N LYS A 174 -8.17 9.33 2.28
CA LYS A 174 -9.14 9.01 1.26
C LYS A 174 -8.52 8.77 -0.11
N ASN A 175 -7.38 9.42 -0.40
CA ASN A 175 -6.75 9.25 -1.69
C ASN A 175 -5.66 8.20 -1.76
N SER A 176 -5.40 7.46 -0.69
CA SER A 176 -4.31 6.51 -0.73
C SER A 176 -4.48 5.42 -1.75
N PRO A 177 -5.62 4.76 -1.85
CA PRO A 177 -5.74 3.67 -2.86
C PRO A 177 -5.49 4.19 -4.27
N THR A 178 -6.08 5.32 -4.62
CA THR A 178 -5.91 5.86 -5.97
C THR A 178 -4.47 6.29 -6.22
N LEU A 179 -3.86 6.97 -5.25
CA LEU A 179 -2.47 7.39 -5.45
C LEU A 179 -1.54 6.20 -5.55
N PHE A 180 -1.79 5.15 -4.74
CA PHE A 180 -0.93 3.97 -4.86
C PHE A 180 -1.11 3.30 -6.22
N ASP A 181 -2.35 3.13 -6.65
CA ASP A 181 -2.62 2.46 -7.92
C ASP A 181 -1.96 3.21 -9.06
N GLU A 182 -2.05 4.55 -9.02
CA GLU A 182 -1.42 5.34 -10.08
C GLU A 182 0.08 5.22 -10.05
N ALA A 183 0.69 5.21 -8.86
CA ALA A 183 2.12 5.07 -8.74
C ALA A 183 2.60 3.74 -9.27
N LEU A 184 1.93 2.64 -8.87
CA LEU A 184 2.36 1.32 -9.31
C LEU A 184 2.20 1.17 -10.82
N HIS A 185 1.18 1.80 -11.39
CA HIS A 185 1.02 1.79 -12.86
C HIS A 185 2.18 2.48 -13.54
N ARG A 186 2.63 3.63 -13.01
CA ARG A 186 3.83 4.24 -13.57
C ARG A 186 5.03 3.31 -13.48
N ASP A 187 5.21 2.64 -12.34
CA ASP A 187 6.37 1.82 -12.13
C ASP A 187 6.35 0.52 -12.92
N LEU A 188 5.18 0.04 -13.32
CA LEU A 188 5.09 -1.21 -14.07
C LEU A 188 4.87 -0.97 -15.56
N ALA A 189 4.90 0.29 -15.96
CA ALA A 189 4.66 0.61 -17.37
C ALA A 189 5.66 -0.09 -18.28
N ASP A 190 6.93 -0.09 -17.89
CA ASP A 190 7.94 -0.68 -18.74
C ASP A 190 7.86 -2.19 -18.76
N PHE A 191 7.49 -2.80 -17.63
CA PHE A 191 7.29 -4.25 -17.60
C PHE A 191 6.25 -4.66 -18.64
N ARG A 192 5.14 -3.94 -18.71
CA ARG A 192 4.09 -4.21 -19.69
C ARG A 192 4.65 -4.12 -21.09
N ILE A 193 5.49 -3.13 -21.36
CA ILE A 193 6.05 -2.93 -22.69
C ILE A 193 7.00 -4.05 -23.03
N GLN A 194 7.74 -4.57 -22.05
CA GLN A 194 8.70 -5.63 -22.27
C GLN A 194 8.07 -7.01 -22.36
N HIS A 195 6.82 -7.16 -21.92
CA HIS A 195 6.16 -8.47 -21.89
C HIS A 195 4.75 -8.32 -22.46
N PRO A 196 4.65 -8.03 -23.76
CA PRO A 196 3.35 -7.72 -24.36
C PRO A 196 2.44 -8.92 -24.48
N ASP A 197 2.99 -10.12 -24.34
CA ASP A 197 2.21 -11.35 -24.38
C ASP A 197 1.41 -11.57 -23.10
N LEU A 198 1.84 -10.98 -21.97
CA LEU A 198 1.21 -11.22 -20.68
C LEU A 198 0.11 -10.19 -20.39
N ILE A 199 -0.85 -10.63 -19.58
CA ILE A 199 -1.92 -9.78 -19.05
C ILE A 199 -1.57 -9.50 -17.60
N LEU A 200 -1.54 -8.22 -17.25
CA LEU A 200 -1.30 -7.78 -15.86
C LEU A 200 -2.47 -6.93 -15.42
N LEU A 201 -3.24 -7.42 -14.46
CA LEU A 201 -4.32 -6.66 -13.86
C LEU A 201 -3.83 -6.13 -12.51
N GLN A 202 -4.06 -4.84 -12.26
CA GLN A 202 -3.70 -4.21 -10.99
C GLN A 202 -4.93 -3.66 -10.31
N TYR A 203 -5.11 -4.04 -9.05
CA TYR A 203 -6.17 -3.48 -8.22
C TYR A 203 -5.51 -3.03 -6.91
N VAL A 204 -4.99 -1.80 -6.90
CA VAL A 204 -4.28 -1.24 -5.77
C VAL A 204 -3.12 -2.18 -5.42
N ASP A 205 -3.18 -2.94 -4.32
CA ASP A 205 -2.06 -3.80 -3.96
C ASP A 205 -2.24 -5.27 -4.39
N ASP A 206 -3.26 -5.57 -5.20
CA ASP A 206 -3.61 -6.94 -5.59
C ASP A 206 -3.36 -7.12 -7.09
N LEU A 207 -2.40 -7.99 -7.44
CA LEU A 207 -1.91 -8.12 -8.79
C LEU A 207 -2.20 -9.52 -9.37
N LEU A 208 -2.68 -9.55 -10.59
CA LEU A 208 -2.85 -10.83 -11.32
C LEU A 208 -2.05 -10.80 -12.61
N LEU A 209 -1.19 -11.81 -12.79
CA LEU A 209 -0.49 -12.01 -14.05
C LEU A 209 -1.06 -13.27 -14.70
N ALA A 210 -1.33 -13.17 -16.00
CA ALA A 210 -1.93 -14.26 -16.78
C ALA A 210 -1.09 -14.53 -18.02
N ALA A 211 -0.88 -15.82 -18.31
CA ALA A 211 -0.05 -16.22 -19.44
C ALA A 211 -0.72 -17.37 -20.21
N THR A 212 -0.12 -17.71 -21.34
CA THR A 212 -0.62 -18.79 -22.19
C THR A 212 -0.17 -20.16 -21.71
N SER A 213 1.05 -20.26 -21.18
CA SER A 213 1.63 -21.54 -20.80
C SER A 213 2.20 -21.46 -19.40
N GLU A 214 2.31 -22.62 -18.76
CA GLU A 214 2.97 -22.70 -17.46
C GLU A 214 4.36 -22.07 -17.53
N LEU A 215 5.12 -22.38 -18.59
CA LEU A 215 6.45 -21.79 -18.75
C LEU A 215 6.37 -20.27 -18.82
N ASP A 216 5.58 -19.74 -19.78
CA ASP A 216 5.50 -18.30 -19.95
C ASP A 216 5.01 -17.61 -18.68
N CYS A 217 4.20 -18.31 -17.88
CA CYS A 217 3.78 -17.75 -16.60
C CYS A 217 4.90 -17.80 -15.58
N GLN A 218 5.77 -18.81 -15.68
CA GLN A 218 6.90 -18.90 -14.75
C GLN A 218 7.92 -17.82 -15.07
N GLN A 219 8.27 -17.68 -16.34
CA GLN A 219 9.24 -16.68 -16.75
C GLN A 219 8.71 -15.27 -16.50
N GLY A 220 7.42 -15.06 -16.75
CA GLY A 220 6.83 -13.76 -16.48
C GLY A 220 6.79 -13.45 -15.00
N THR A 221 6.40 -14.43 -14.18
CA THR A 221 6.40 -14.24 -12.74
C THR A 221 7.80 -13.95 -12.25
N ARG A 222 8.81 -14.65 -12.80
CA ARG A 222 10.18 -14.35 -12.42
C ARG A 222 10.53 -12.91 -12.77
N ALA A 223 10.14 -12.46 -13.95
CA ALA A 223 10.43 -11.09 -14.34
C ALA A 223 9.68 -10.11 -13.44
N LEU A 224 8.42 -10.40 -13.13
CA LEU A 224 7.62 -9.48 -12.33
C LEU A 224 8.18 -9.38 -10.92
N LEU A 225 8.51 -10.52 -10.29
CA LEU A 225 9.07 -10.44 -8.95
C LEU A 225 10.39 -9.66 -8.96
N GLN A 226 11.24 -9.92 -9.96
CA GLN A 226 12.50 -9.21 -10.04
C GLN A 226 12.25 -7.72 -10.16
N THR A 227 11.28 -7.36 -10.98
CA THR A 227 10.96 -5.95 -11.19
C THR A 227 10.38 -5.31 -9.93
N LEU A 228 9.39 -5.95 -9.31
CA LEU A 228 8.78 -5.42 -8.09
C LEU A 228 9.83 -5.20 -7.00
N GLY A 229 10.67 -6.21 -6.74
CA GLY A 229 11.67 -6.04 -5.71
C GLY A 229 12.66 -4.92 -6.01
N ASN A 230 13.06 -4.81 -7.26
CA ASN A 230 13.99 -3.79 -7.66
C ASN A 230 13.40 -2.39 -7.48
N LEU A 231 12.10 -2.25 -7.76
CA LEU A 231 11.41 -0.97 -7.59
C LEU A 231 11.16 -0.62 -6.14
N GLY A 232 11.28 -1.58 -5.22
CA GLY A 232 11.05 -1.31 -3.82
C GLY A 232 9.76 -1.81 -3.23
N TYR A 233 8.95 -2.56 -3.99
CA TYR A 233 7.73 -3.13 -3.48
C TYR A 233 8.01 -4.54 -2.96
N ARG A 234 7.08 -5.04 -2.15
CA ARG A 234 7.29 -6.33 -1.48
C ARG A 234 5.99 -7.10 -1.54
N ALA A 235 6.05 -8.34 -1.96
CA ALA A 235 4.88 -9.21 -2.04
C ALA A 235 4.87 -10.22 -0.90
N SER A 236 3.66 -10.66 -0.53
CA SER A 236 3.52 -11.67 0.52
C SER A 236 3.82 -13.06 -0.02
N ALA A 237 4.93 -13.65 0.43
CA ALA A 237 5.23 -15.03 0.03
C ALA A 237 4.16 -15.99 0.53
N LYS A 238 3.57 -15.69 1.68
CA LYS A 238 2.59 -16.59 2.29
C LYS A 238 1.34 -16.72 1.44
N LYS A 239 0.88 -15.61 0.86
CA LYS A 239 -0.37 -15.60 0.12
C LYS A 239 -0.19 -15.82 -1.38
N ALA A 240 1.03 -15.78 -1.89
CA ALA A 240 1.25 -15.89 -3.31
C ALA A 240 0.63 -17.16 -3.88
N GLN A 241 -0.04 -17.02 -5.01
CA GLN A 241 -0.53 -18.13 -5.81
C GLN A 241 0.24 -18.09 -7.12
N ILE A 242 1.21 -18.98 -7.27
CA ILE A 242 2.20 -18.91 -8.33
C ILE A 242 1.91 -19.96 -9.40
N CYS A 243 1.78 -19.49 -10.64
CA CYS A 243 1.70 -20.36 -11.81
C CYS A 243 0.72 -21.51 -11.59
N GLN A 244 -0.51 -21.16 -11.21
CA GLN A 244 -1.61 -22.09 -11.07
C GLN A 244 -2.60 -21.90 -12.21
N LYS A 245 -3.47 -22.89 -12.38
CA LYS A 245 -4.60 -22.80 -13.29
C LYS A 245 -5.87 -22.37 -12.59
N GLN A 246 -5.84 -22.38 -11.27
CA GLN A 246 -6.94 -21.95 -10.42
C GLN A 246 -6.37 -20.97 -9.40
N VAL A 247 -6.98 -19.79 -9.29
CA VAL A 247 -6.59 -18.83 -8.26
C VAL A 247 -7.80 -18.09 -7.75
N LYS A 248 -7.66 -17.56 -6.55
CA LYS A 248 -8.61 -16.60 -6.00
C LYS A 248 -8.02 -15.20 -6.16
N TYR A 249 -8.79 -14.31 -6.77
CA TYR A 249 -8.35 -12.94 -7.03
C TYR A 249 -9.54 -12.03 -6.87
N LEU A 250 -9.43 -11.04 -5.99
CA LEU A 250 -10.47 -10.03 -5.81
C LEU A 250 -11.82 -10.68 -5.47
N GLY A 251 -11.78 -11.74 -4.68
CA GLY A 251 -13.02 -12.35 -4.23
C GLY A 251 -13.69 -13.22 -5.25
N TYR A 252 -13.06 -13.45 -6.39
CA TYR A 252 -13.53 -14.41 -7.36
C TYR A 252 -12.64 -15.65 -7.31
N LEU A 253 -13.21 -16.77 -7.71
CA LEU A 253 -12.43 -17.96 -8.03
C LEU A 253 -12.26 -17.97 -9.53
N LEU A 254 -11.02 -17.92 -9.99
CA LEU A 254 -10.71 -17.93 -11.42
C LEU A 254 -10.35 -19.37 -11.79
N LYS A 255 -11.21 -19.97 -12.62
CA LYS A 255 -11.10 -21.37 -13.01
C LYS A 255 -11.79 -21.52 -14.34
N GLU A 256 -11.12 -22.16 -15.30
CA GLU A 256 -11.74 -22.43 -16.59
C GLU A 256 -12.20 -21.14 -17.28
N GLY A 257 -11.40 -20.09 -17.15
CA GLY A 257 -11.78 -18.80 -17.71
C GLY A 257 -13.08 -18.25 -17.16
N GLN A 258 -13.61 -18.86 -16.09
CA GLN A 258 -14.91 -18.46 -15.57
C GLN A 258 -14.80 -17.44 -14.45
N ARG A 259 -15.81 -16.59 -14.36
CA ARG A 259 -15.86 -15.51 -13.37
C ARG A 259 -14.79 -14.46 -13.68
C1 JSP B 3 -20.46 9.02 13.58
C1' JSP B 3 -20.18 10.26 12.67
C2 JSP B 3 -20.36 7.75 13.15
C2' JSP B 3 -21.04 11.49 12.79
C3' JSP B 3 -20.09 12.56 12.30
C4 JSP B 3 -20.90 6.92 15.14
C4' JSP B 3 -18.74 12.08 12.78
C5' JSP B 3 -18.19 12.82 13.98
C6 JSP B 3 -20.76 9.25 14.85
C7 JSP B 3 -21.34 8.39 17.06
N2 JSP B 3 -20.06 7.55 11.94
N3 JSP B 3 -20.59 6.77 13.92
N5 JSP B 3 -21.00 8.19 15.66
O3' JSP B 3 -19.97 12.65 10.86
O4 JSP B 3 -21.08 5.95 15.83
O4' JSP B 3 -18.90 10.69 13.13
O5' JSP B 3 -19.30 13.30 14.73
OP1 JSP B 3 -18.57 15.43 15.76
OP2 JSP B 3 -20.02 13.79 17.07
P JSP B 3 -18.95 14.04 16.08
N 1W5 B 4 -24.36 10.38 14.75
P 1W5 B 4 -20.80 13.72 10.04
C1 1W5 B 4 -24.27 9.20 11.31
C2 1W5 B 4 -24.16 7.76 11.47
O2 1W5 B 4 -24.11 6.92 10.62
N3 1W5 B 4 -24.12 7.32 12.82
C4 1W5 B 4 -24.18 8.09 13.92
N4 1W5 B 4 -24.12 7.49 15.11
C5 1W5 B 4 -24.30 9.44 13.71
C6 1W5 B 4 -24.34 9.96 12.40
C1' 1W5 B 4 -24.32 9.72 9.96
C2' 1W5 B 4 -24.52 11.22 10.01
C3' 1W5 B 4 -24.22 11.76 8.60
O3' 1W5 B 4 -25.34 11.35 7.77
C4' 1W5 B 4 -22.96 10.97 8.36
O4' 1W5 B 4 -23.06 9.78 9.22
C5' 1W5 B 4 -21.68 11.73 8.69
O5' 1W5 B 4 -22.03 12.88 9.45
ON1 1W5 B 4 -24.41 11.56 14.49
ON2 1W5 B 4 -24.33 9.95 15.87
OP1 1W5 B 4 -19.92 14.33 8.97
OP2 1W5 B 4 -21.45 14.60 11.02
N 1W5 B 5 -28.03 10.54 11.34
P 1W5 B 5 -25.64 12.05 6.38
C1 1W5 B 5 -27.69 7.99 8.72
C2 1W5 B 5 -27.54 6.79 9.52
O2 1W5 B 5 -27.38 5.66 9.12
N3 1W5 B 5 -27.57 7.00 10.90
C4 1W5 B 5 -27.71 8.17 11.56
N4 1W5 B 5 -27.71 8.18 12.90
C5 1W5 B 5 -27.87 9.27 10.76
C6 1W5 B 5 -27.86 9.15 9.35
C1' 1W5 B 5 -27.67 7.79 7.29
C2' 1W5 B 5 -28.16 9.05 6.62
C3' 1W5 B 5 -27.74 8.97 5.15
O3' 1W5 B 5 -28.58 7.98 4.50
C4' 1W5 B 5 -26.32 8.49 5.37
O4' 1W5 B 5 -26.36 7.74 6.64
C5' 1W5 B 5 -25.33 9.65 5.41
O5' 1W5 B 5 -26.08 10.84 5.41
ON1 1W5 B 5 -28.22 11.51 10.63
ON2 1W5 B 5 -27.95 10.57 12.54
OP1 1W5 B 5 -24.35 12.45 5.83
OP2 1W5 B 5 -26.71 13.12 6.55
P 1WA B 6 -28.81 8.00 2.94
N1 1WA B 6 -30.78 5.88 10.61
C2 1WA B 6 -30.56 4.79 9.93
N2 1WA B 6 -30.29 3.66 10.61
N3 1WA B 6 -30.56 4.64 8.58
C4 1WA B 6 -30.83 5.75 7.97
N5 1WA B 6 -31.08 6.93 8.56
C6 1WA B 6 -31.06 7.05 9.99
O6 1WA B 6 -31.27 8.11 10.50
C7 1WA B 6 -31.32 7.91 7.59
C8 1WA B 6 -31.23 7.30 6.41
N9 1WA B 6 -30.92 5.95 6.64
C1' 1WA B 6 -30.71 4.89 5.65
C2' 1WA B 6 -31.67 4.92 4.45
C3' 1WA B 6 -30.90 4.05 3.46
O3' 1WA B 6 -31.30 2.68 3.73
C4' 1WA B 6 -29.44 4.42 3.72
O4' 1WA B 6 -29.42 4.99 5.06
C5' 1WA B 6 -28.77 5.36 2.74
O5' 1WA B 6 -29.50 6.59 2.62
OP1 1WA B 6 -27.49 8.15 2.29
OP2 1WA B 6 -29.90 9.01 2.65
P IGU B 7 -32.40 1.96 2.86
OP1 IGU B 7 -31.87 1.45 1.58
OP2 IGU B 7 -33.56 2.85 2.84
O5' IGU B 7 -32.79 0.63 3.65
C5' IGU B 7 -31.81 -0.02 4.45
C4' IGU B 7 -32.32 -0.09 5.86
O4' IGU B 7 -32.45 1.26 6.30
C3' IGU B 7 -33.71 -0.73 6.04
O3' IGU B 7 -33.66 -1.72 7.10
C2' IGU B 7 -34.59 0.53 6.23
C1' IGU B 7 -33.63 1.38 7.06
N9 IGU B 7 -33.86 2.73 7.47
C8 IGU B 7 -34.04 3.68 6.66
N7 IGU B 7 -34.24 4.79 7.23
C6 IGU B 7 -34.31 5.36 9.49
N6 IGU B 7 -34.54 6.59 9.33
C5 IGU B 7 -34.17 4.53 8.44
N1 IGU B 7 -34.21 4.83 10.71
C2 IGU B 7 -33.96 3.48 10.84
O2 IGU B 7 -33.88 3.02 11.96
N3 IGU B 7 -33.84 2.74 9.80
C4 IGU B 7 -33.94 3.21 8.64
C1 JSP B 8 -36.90 1.32 9.89
C1' JSP B 8 -36.58 -0.04 10.63
C2 JSP B 8 -37.15 2.50 10.52
C2' JSP B 8 -37.78 -0.84 11.15
C3' JSP B 8 -37.42 -2.29 10.85
C4 JSP B 8 -37.43 3.60 8.59
C4' JSP B 8 -35.99 -2.24 10.34
C5' JSP B 8 -35.56 -3.33 9.36
C6 JSP B 8 -36.91 1.30 8.56
C7 JSP B 8 -37.21 2.47 6.42
N2 JSP B 8 -37.12 2.53 11.79
N3 JSP B 8 -37.39 3.56 9.86
N5 JSP B 8 -37.18 2.44 7.88
O3' JSP B 8 -37.43 -3.12 12.03
O4 JSP B 8 -37.67 4.65 8.04
O4' JSP B 8 -35.93 -0.93 9.73
O5' JSP B 8 -35.67 -2.94 7.99
OP1 JSP B 8 -33.59 -4.23 7.45
OP2 JSP B 8 -34.98 -3.15 5.60
P JSP B 8 -34.43 -3.09 6.97
P IGU C 1 -39.83 14.38 15.23
OP1 IGU C 1 -40.50 14.93 16.41
OP2 IGU C 1 -39.23 15.11 14.11
O5' IGU C 1 -39.15 12.98 15.58
C5' IGU C 1 -39.87 12.12 16.46
C4' IGU C 1 -39.14 10.80 16.51
O4' IGU C 1 -39.24 10.21 15.22
C3' IGU C 1 -37.65 10.89 16.80
O3' IGU C 1 -37.28 9.83 17.71
C2' IGU C 1 -37.06 10.76 15.39
C1' IGU C 1 -38.00 9.66 14.87
N9 IGU C 1 -37.96 9.18 13.54
C8 IGU C 1 -38.06 9.95 12.54
N7 IGU C 1 -38.00 9.35 11.44
C6 IGU C 1 -37.70 7.09 10.96
N6 IGU C 1 -37.74 7.18 9.72
C5 IGU C 1 -37.84 8.15 11.77
N1 IGU C 1 -37.53 5.90 11.55
C2 IGU C 1 -37.51 5.82 12.93
O2 IGU C 1 -37.35 4.72 13.43
N3 IGU C 1 -37.64 6.88 13.63
C4 IGU C 1 -37.79 8.01 13.11
C1 JSP C 2 -34.34 7.13 15.20
C1' JSP C 2 -34.27 6.59 16.67
C2 JSP C 2 -34.32 6.33 14.10
C2' JSP C 2 -33.68 7.54 17.72
C3' JSP C 2 -34.08 6.79 19.00
C4 JSP C 2 -34.42 8.06 12.69
C4' JSP C 2 -35.53 6.45 18.65
C5' JSP C 2 -36.53 7.48 19.14
C6 JSP C 2 -34.39 8.46 15.01
C7 JSP C 2 -34.50 10.37 13.42
N2 JSP C 2 -34.26 5.07 14.28
N3 JSP C 2 -34.36 6.80 12.92
N5 JSP C 2 -34.44 8.95 13.74
O3' JSP C 2 -33.21 5.65 19.17
O4 JSP C 2 -34.46 8.46 11.55
O4' JSP C 2 -35.57 6.35 17.20
O5' JSP C 2 -35.89 8.72 19.51
OP1 JSP C 2 -37.66 10.42 20.04
OP2 JSP C 2 -35.48 11.13 18.90
P JSP C 2 -36.56 10.13 19.09
N 1W5 C 3 -30.43 8.50 15.83
P 1W5 C 3 -33.39 4.63 20.37
C1 1W5 C 3 -30.64 4.85 15.50
C2 1W5 C 3 -30.82 4.69 14.06
O2 1W5 C 3 -30.94 3.66 13.47
N3 1W5 C 3 -30.85 5.88 13.33
C4 1W5 C 3 -30.74 7.14 13.81
N4 1W5 C 3 -30.81 8.14 12.91
C5 1W5 C 3 -30.57 7.25 15.17
C6 1W5 C 3 -30.52 6.08 15.99
C1' 1W5 C 3 -30.60 3.60 16.22
C2' 1W5 C 3 -30.28 3.84 17.67
C3' 1W5 C 3 -30.80 2.64 18.47
O3' 1W5 C 3 -29.84 1.54 18.29
C4' 1W5 C 3 -32.07 2.35 17.73
O4' 1W5 C 3 -31.91 2.97 16.40
C5' 1W5 C 3 -33.32 2.94 18.40
O5' 1W5 C 3 -32.97 3.21 19.74
ON1 1W5 C 3 -30.13 8.50 17.00
ON2 1W5 C 3 -30.60 9.50 15.17
OP1 1W5 C 3 -34.83 4.44 20.57
OP2 1W5 C 3 -32.54 5.03 21.56
P 1WA C 4 -29.40 0.64 19.51
N1 1WA C 4 -27.12 5.86 13.96
C2 1WA C 4 -27.31 4.73 13.32
N2 1WA C 4 -27.50 4.75 11.99
N3 1WA C 4 -27.34 3.49 13.85
C4 1WA C 4 -27.15 3.51 15.13
N5 1WA C 4 -26.93 4.61 15.88
C6 1WA C 4 -26.92 5.90 15.29
O6 1WA C 4 -26.73 6.84 15.99
C7 1WA C 4 -26.78 4.23 17.22
C8 1WA C 4 -26.89 2.91 17.25
N9 1WA C 4 -27.12 2.46 15.94
C1' 1WA C 4 -27.34 1.09 15.48
C2' 1WA C 4 -26.16 0.17 15.53
C3' 1WA C 4 -26.67 -1.07 16.23
O3' 1WA C 4 -26.43 -2.17 15.32
C4' 1WA C 4 -28.14 -0.84 16.55
O4' 1WA C 4 -28.33 0.58 16.36
C5' 1WA C 4 -28.56 -1.30 17.94
O5' 1WA C 4 -28.25 -0.31 18.92
OP1 1WA C 4 -30.56 -0.11 20.05
OP2 1WA C 4 -28.62 1.57 20.41
P 1WA C 5 -25.42 -3.33 15.68
N1 1WA C 5 -23.99 4.48 12.60
C2 1WA C 5 -23.98 3.57 11.66
N2 1WA C 5 -24.19 3.99 10.40
N3 1WA C 5 -23.79 2.24 11.78
C4 1WA C 5 -23.60 1.90 13.02
N5 1WA C 5 -23.59 2.74 14.07
C6 1WA C 5 -23.80 4.13 13.88
O6 1WA C 5 -23.78 4.82 14.86
C7 1WA C 5 -23.36 2.03 15.25
C8 1WA C 5 -23.22 0.75 14.90
N9 1WA C 5 -23.38 0.67 13.52
C1' 1WA C 5 -23.33 -0.54 12.68
C2' 1WA C 5 -22.44 -1.68 13.17
C3' 1WA C 5 -22.98 -2.84 12.34
O3' 1WA C 5 -22.22 -2.87 11.10
C4' 1WA C 5 -24.49 -2.54 12.22
O4' 1WA C 5 -24.62 -1.15 12.63
C5' 1WA C 5 -25.40 -3.44 13.02
O5' 1WA C 5 -24.77 -3.73 14.28
OP1 1WA C 5 -26.14 -4.44 16.34
OP2 1WA C 5 -24.25 -2.68 16.39
P IGU C 6 -21.15 -4.00 10.83
OP1 IGU C 6 -21.75 -5.21 10.25
OP2 IGU C 6 -20.37 -4.10 12.07
O5' IGU C 6 -20.21 -3.43 9.68
C5' IGU C 6 -20.78 -2.91 8.47
C4' IGU C 6 -20.12 -1.58 8.21
O4' IGU C 6 -20.57 -0.79 9.31
C3' IGU C 6 -18.62 -1.57 8.30
O3' IGU C 6 -17.94 -1.77 7.04
C2' IGU C 6 -18.29 -0.25 9.06
C1' IGU C 6 -19.64 0.22 9.57
N9 IGU C 6 -19.78 0.68 10.91
C8 IGU C 6 -19.61 -0.09 11.91
N7 IGU C 6 -19.76 0.46 13.01
C6 IGU C 6 -20.25 2.67 13.53
N6 IGU C 6 -20.24 2.53 14.76
C5 IGU C 6 -20.01 1.65 12.70
N1 IGU C 6 -20.48 3.86 12.97
C2 IGU C 6 -20.48 3.97 11.60
O2 IGU C 6 -20.71 5.04 11.13
N3 IGU C 6 -20.24 2.96 10.87
C4 IGU C 6 -20.02 1.82 11.37
#